data_8G21
#
_entry.id   8G21
#
_entity_poly.entity_id   1
_entity_poly.type   'polypeptide(L)'
_entity_poly.pdbx_seq_one_letter_code
;STRKQNYMMNFSRQHGLRHFYNRRRRSLRRYP
;
_entity_poly.pdbx_strand_id   A
#
# COMPACT_ATOMS: atom_id res chain seq x y z
N SER A 1 11.64 -16.36 -6.73
CA SER A 1 10.53 -15.55 -7.30
C SER A 1 10.80 -15.24 -8.78
N THR A 2 9.85 -15.58 -9.63
CA THR A 2 9.97 -15.30 -11.05
C THR A 2 9.61 -13.86 -11.36
N ARG A 3 9.70 -13.47 -12.64
CA ARG A 3 9.41 -12.11 -13.05
C ARG A 3 8.00 -11.67 -12.64
N LYS A 4 7.02 -12.53 -12.91
CA LYS A 4 5.65 -12.25 -12.57
C LYS A 4 5.51 -12.06 -11.07
N GLN A 5 6.25 -12.85 -10.30
CA GLN A 5 6.23 -12.75 -8.85
C GLN A 5 6.83 -11.44 -8.42
N ASN A 6 7.86 -10.98 -9.12
CA ASN A 6 8.48 -9.69 -8.83
C ASN A 6 7.53 -8.55 -9.16
N TYR A 7 6.70 -8.76 -10.17
CA TYR A 7 5.71 -7.78 -10.57
C TYR A 7 4.59 -7.69 -9.55
N MET A 8 4.01 -8.83 -9.19
CA MET A 8 2.94 -8.84 -8.19
C MET A 8 3.45 -8.37 -6.84
N MET A 9 4.75 -8.57 -6.60
CA MET A 9 5.38 -8.04 -5.41
C MET A 9 5.52 -6.53 -5.51
N ASN A 10 5.86 -6.03 -6.69
CA ASN A 10 5.96 -4.59 -6.91
C ASN A 10 4.58 -3.96 -6.81
N PHE A 11 3.60 -4.67 -7.36
CA PHE A 11 2.21 -4.29 -7.29
C PHE A 11 1.74 -4.23 -5.83
N SER A 12 2.05 -5.26 -5.07
CA SER A 12 1.69 -5.30 -3.66
C SER A 12 2.45 -4.22 -2.89
N ARG A 13 3.71 -4.00 -3.28
CA ARG A 13 4.55 -2.99 -2.65
C ARG A 13 3.96 -1.59 -2.84
N GLN A 14 3.64 -1.24 -4.08
CA GLN A 14 3.11 0.08 -4.41
C GLN A 14 1.74 0.27 -3.76
N HIS A 15 1.01 -0.83 -3.64
CA HIS A 15 -0.32 -0.80 -3.04
C HIS A 15 -0.22 -0.74 -1.51
N GLY A 16 0.87 -1.29 -0.98
CA GLY A 16 1.11 -1.23 0.44
C GLY A 16 1.43 0.18 0.88
N LEU A 17 2.18 0.90 0.04
CA LEU A 17 2.50 2.29 0.30
C LEU A 17 1.21 3.12 0.38
N ARG A 18 0.35 2.93 -0.60
CA ARG A 18 -0.95 3.59 -0.64
C ARG A 18 -1.79 3.16 0.56
N HIS A 19 -1.65 1.90 0.96
CA HIS A 19 -2.34 1.36 2.12
C HIS A 19 -2.01 2.16 3.38
N PHE A 20 -0.74 2.54 3.51
CA PHE A 20 -0.29 3.32 4.67
C PHE A 20 -0.95 4.70 4.67
N TYR A 21 -0.84 5.40 3.54
CA TYR A 21 -1.37 6.75 3.44
C TYR A 21 -2.88 6.77 3.61
N ASN A 22 -3.55 5.70 3.17
CA ASN A 22 -4.98 5.58 3.35
C ASN A 22 -5.35 5.58 4.84
N ARG A 23 -4.53 4.93 5.66
CA ARG A 23 -4.75 4.91 7.09
C ARG A 23 -4.34 6.23 7.72
N ARG A 24 -3.29 6.84 7.17
CA ARG A 24 -2.85 8.15 7.63
C ARG A 24 -3.93 9.19 7.38
N ARG A 25 -4.45 9.20 6.16
CA ARG A 25 -5.50 10.13 5.79
C ARG A 25 -6.76 9.88 6.62
N ARG A 26 -7.07 8.61 6.83
CA ARG A 26 -8.21 8.23 7.65
C ARG A 26 -8.10 8.82 9.04
N SER A 27 -6.91 8.74 9.63
CA SER A 27 -6.69 9.18 11.00
C SER A 27 -6.91 10.68 11.16
N LEU A 28 -6.88 11.39 10.05
CA LEU A 28 -7.08 12.83 10.07
C LEU A 28 -8.52 13.21 9.78
N ARG A 29 -9.31 12.23 9.37
CA ARG A 29 -10.73 12.48 9.07
C ARG A 29 -11.63 11.81 10.10
N ARG A 30 -11.38 10.53 10.33
CA ARG A 30 -12.23 9.73 11.20
C ARG A 30 -11.51 8.46 11.65
N TYR A 31 -11.25 8.34 12.93
CA TYR A 31 -10.69 7.12 13.50
C TYR A 31 -11.15 6.96 14.94
N PRO A 32 -11.60 5.76 15.32
CA PRO A 32 -11.68 4.62 14.41
C PRO A 32 -13.06 4.50 13.77
N SER A 1 10.77 -17.72 -6.75
CA SER A 1 9.70 -16.85 -7.25
C SER A 1 9.87 -16.62 -8.76
N THR A 2 8.77 -16.59 -9.48
CA THR A 2 8.82 -16.34 -10.92
C THR A 2 8.80 -14.84 -11.19
N ARG A 3 8.98 -14.48 -12.45
CA ARG A 3 8.94 -13.07 -12.84
C ARG A 3 7.61 -12.43 -12.42
N LYS A 4 6.52 -13.11 -12.75
CA LYS A 4 5.18 -12.66 -12.40
C LYS A 4 5.08 -12.40 -10.90
N GLN A 5 5.62 -13.31 -10.09
CA GLN A 5 5.59 -13.18 -8.65
C GLN A 5 6.34 -11.93 -8.19
N ASN A 6 7.45 -11.63 -8.85
CA ASN A 6 8.25 -10.48 -8.49
C ASN A 6 7.57 -9.19 -8.96
N TYR A 7 6.89 -9.30 -10.10
CA TYR A 7 6.14 -8.18 -10.65
C TYR A 7 4.94 -7.84 -9.78
N MET A 8 4.19 -8.85 -9.36
CA MET A 8 3.04 -8.61 -8.51
C MET A 8 3.49 -8.18 -7.11
N MET A 9 4.71 -8.54 -6.75
CA MET A 9 5.29 -8.06 -5.51
C MET A 9 5.66 -6.60 -5.64
N ASN A 10 6.15 -6.21 -6.80
CA ASN A 10 6.43 -4.81 -7.10
C ASN A 10 5.12 -4.04 -7.13
N PHE A 11 4.10 -4.70 -7.64
CA PHE A 11 2.74 -4.17 -7.65
C PHE A 11 2.27 -3.92 -6.22
N SER A 12 2.43 -4.93 -5.37
CA SER A 12 2.04 -4.82 -3.96
C SER A 12 2.89 -3.75 -3.26
N ARG A 13 4.17 -3.68 -3.64
CA ARG A 13 5.07 -2.68 -3.09
C ARG A 13 4.59 -1.27 -3.41
N GLN A 14 4.36 -1.00 -4.69
CA GLN A 14 3.96 0.33 -5.14
C GLN A 14 2.58 0.69 -4.60
N HIS A 15 1.74 -0.33 -4.39
CA HIS A 15 0.40 -0.13 -3.85
C HIS A 15 0.45 0.01 -2.34
N GLY A 16 1.55 -0.44 -1.74
CA GLY A 16 1.72 -0.34 -0.31
C GLY A 16 1.91 1.10 0.13
N LEU A 17 2.17 1.98 -0.82
CA LEU A 17 2.25 3.40 -0.54
C LEU A 17 0.88 3.95 -0.18
N ARG A 18 -0.15 3.34 -0.73
CA ARG A 18 -1.52 3.72 -0.41
C ARG A 18 -1.84 3.39 1.02
N HIS A 19 -1.17 2.37 1.56
CA HIS A 19 -1.34 1.97 2.95
C HIS A 19 -1.03 3.13 3.88
N PHE A 20 -0.05 3.94 3.50
CA PHE A 20 0.34 5.08 4.32
C PHE A 20 -0.70 6.19 4.20
N TYR A 21 -1.16 6.46 2.99
CA TYR A 21 -2.19 7.46 2.76
C TYR A 21 -3.49 7.06 3.48
N ASN A 22 -3.83 5.79 3.38
CA ASN A 22 -5.04 5.28 4.00
C ASN A 22 -4.94 5.31 5.52
N ARG A 23 -3.76 5.04 6.05
CA ARG A 23 -3.58 5.07 7.50
C ARG A 23 -3.54 6.52 8.00
N ARG A 24 -3.15 7.43 7.12
CA ARG A 24 -3.14 8.84 7.42
C ARG A 24 -4.57 9.37 7.53
N ARG A 25 -5.35 9.15 6.48
CA ARG A 25 -6.75 9.58 6.45
C ARG A 25 -7.56 8.86 7.52
N ARG A 26 -7.09 7.68 7.91
CA ARG A 26 -7.71 6.89 8.95
C ARG A 26 -7.71 7.68 10.27
N SER A 27 -6.63 8.41 10.50
CA SER A 27 -6.49 9.22 11.70
C SER A 27 -7.04 10.62 11.50
N LEU A 28 -7.48 10.92 10.27
CA LEU A 28 -7.96 12.24 9.92
C LEU A 28 -9.42 12.21 9.50
N ARG A 29 -10.13 11.16 9.91
CA ARG A 29 -11.54 11.01 9.52
C ARG A 29 -12.47 11.70 10.51
N ARG A 30 -11.99 11.94 11.73
CA ARG A 30 -12.77 12.59 12.78
C ARG A 30 -14.07 11.82 12.99
N TYR A 31 -13.93 10.57 13.44
CA TYR A 31 -15.04 9.63 13.62
C TYR A 31 -15.59 9.17 12.26
N PRO A 32 -15.83 7.87 12.10
CA PRO A 32 -15.59 6.87 13.13
C PRO A 32 -14.20 6.23 13.02
N SER A 1 11.27 -15.35 -5.55
CA SER A 1 10.31 -14.78 -6.51
C SER A 1 10.96 -14.58 -7.87
N THR A 2 10.29 -15.06 -8.92
CA THR A 2 10.75 -14.87 -10.28
C THR A 2 10.42 -13.46 -10.76
N ARG A 3 10.84 -13.11 -11.97
CA ARG A 3 10.62 -11.76 -12.50
C ARG A 3 9.16 -11.34 -12.41
N LYS A 4 8.27 -12.18 -12.95
CA LYS A 4 6.85 -11.89 -12.92
C LYS A 4 6.35 -11.76 -11.49
N GLN A 5 6.92 -12.57 -10.61
CA GLN A 5 6.55 -12.54 -9.21
C GLN A 5 7.03 -11.26 -8.53
N ASN A 6 8.15 -10.73 -9.00
CA ASN A 6 8.67 -9.49 -8.45
C ASN A 6 7.80 -8.32 -8.89
N TYR A 7 7.30 -8.39 -10.12
CA TYR A 7 6.41 -7.37 -10.64
C TYR A 7 5.08 -7.36 -9.88
N MET A 8 4.48 -8.52 -9.67
CA MET A 8 3.22 -8.59 -8.94
C MET A 8 3.45 -8.23 -7.47
N MET A 9 4.67 -8.40 -6.99
CA MET A 9 5.04 -7.97 -5.65
C MET A 9 5.27 -6.47 -5.62
N ASN A 10 5.79 -5.92 -6.71
CA ASN A 10 5.91 -4.46 -6.86
C ASN A 10 4.52 -3.84 -6.89
N PHE A 11 3.65 -4.48 -7.65
CA PHE A 11 2.24 -4.12 -7.72
C PHE A 11 1.59 -4.24 -6.35
N SER A 12 1.82 -5.37 -5.68
CA SER A 12 1.35 -5.59 -4.34
C SER A 12 1.92 -4.55 -3.38
N ARG A 13 3.20 -4.24 -3.54
CA ARG A 13 3.88 -3.27 -2.72
C ARG A 13 3.22 -1.90 -2.81
N GLN A 14 3.02 -1.42 -4.04
CA GLN A 14 2.45 -0.08 -4.24
C GLN A 14 1.01 -0.03 -3.74
N HIS A 15 0.34 -1.18 -3.79
CA HIS A 15 -1.04 -1.29 -3.33
C HIS A 15 -1.10 -1.41 -1.82
N GLY A 16 -0.14 -2.12 -1.25
CA GLY A 16 -0.09 -2.29 0.19
C GLY A 16 0.45 -1.07 0.90
N LEU A 17 1.43 -0.41 0.30
CA LEU A 17 1.99 0.81 0.87
C LEU A 17 0.91 1.87 1.01
N ARG A 18 0.12 2.04 -0.05
CA ARG A 18 -0.99 2.98 -0.02
C ARG A 18 -1.98 2.63 1.06
N HIS A 19 -2.15 1.35 1.32
CA HIS A 19 -3.05 0.87 2.38
C HIS A 19 -2.71 1.56 3.70
N PHE A 20 -1.42 1.63 3.99
CA PHE A 20 -0.95 2.28 5.22
C PHE A 20 -1.25 3.77 5.20
N TYR A 21 -0.95 4.43 4.08
CA TYR A 21 -1.19 5.85 3.95
C TYR A 21 -2.68 6.16 3.99
N ASN A 22 -3.48 5.28 3.41
CA ASN A 22 -4.92 5.42 3.42
C ASN A 22 -5.47 5.23 4.83
N ARG A 23 -4.82 4.37 5.61
CA ARG A 23 -5.12 4.26 7.03
C ARG A 23 -4.76 5.55 7.75
N ARG A 24 -3.54 6.04 7.52
CA ARG A 24 -3.08 7.31 8.07
C ARG A 24 -4.07 8.44 7.77
N ARG A 25 -4.39 8.61 6.50
CA ARG A 25 -5.31 9.67 6.07
C ARG A 25 -6.68 9.50 6.75
N ARG A 26 -7.11 8.26 6.90
CA ARG A 26 -8.37 7.96 7.56
C ARG A 26 -8.34 8.44 9.01
N SER A 27 -7.16 8.41 9.61
CA SER A 27 -6.98 8.82 10.99
C SER A 27 -6.64 10.31 11.08
N LEU A 28 -6.64 10.99 9.94
CA LEU A 28 -6.34 12.41 9.90
C LEU A 28 -7.61 13.20 9.62
N ARG A 29 -8.76 12.59 9.91
CA ARG A 29 -10.04 13.20 9.61
C ARG A 29 -10.69 13.76 10.88
N ARG A 30 -9.91 13.88 11.93
CA ARG A 30 -10.42 14.42 13.20
C ARG A 30 -10.18 15.92 13.28
N TYR A 31 -10.06 16.53 12.10
CA TYR A 31 -9.84 17.97 11.95
C TYR A 31 -8.44 18.37 12.43
N PRO A 32 -7.76 19.26 11.70
CA PRO A 32 -8.24 19.83 10.45
C PRO A 32 -7.75 19.05 9.23
N SER A 1 11.14 -16.94 -6.11
CA SER A 1 9.87 -16.55 -6.77
C SER A 1 10.15 -16.10 -8.20
N THR A 2 9.18 -16.30 -9.09
CA THR A 2 9.34 -15.96 -10.49
C THR A 2 9.19 -14.45 -10.73
N ARG A 3 9.39 -14.03 -11.97
CA ARG A 3 9.29 -12.62 -12.33
C ARG A 3 7.93 -12.04 -11.94
N LYS A 4 6.86 -12.70 -12.36
CA LYS A 4 5.51 -12.25 -12.05
C LYS A 4 5.32 -12.10 -10.55
N GLN A 5 5.88 -13.03 -9.78
CA GLN A 5 5.77 -13.00 -8.34
C GLN A 5 6.43 -11.75 -7.77
N ASN A 6 7.51 -11.31 -8.41
CA ASN A 6 8.21 -10.11 -7.99
C ASN A 6 7.48 -8.87 -8.48
N TYR A 7 6.91 -8.96 -9.68
CA TYR A 7 6.10 -7.89 -10.23
C TYR A 7 4.87 -7.63 -9.38
N MET A 8 4.18 -8.69 -8.97
CA MET A 8 3.02 -8.53 -8.11
C MET A 8 3.44 -8.02 -6.74
N MET A 9 4.69 -8.27 -6.37
CA MET A 9 5.25 -7.68 -5.17
C MET A 9 5.45 -6.19 -5.37
N ASN A 10 5.96 -5.82 -6.55
CA ASN A 10 6.13 -4.43 -6.94
C ASN A 10 4.76 -3.74 -6.99
N PHE A 11 3.80 -4.45 -7.55
CA PHE A 11 2.42 -3.99 -7.63
C PHE A 11 1.83 -3.81 -6.22
N SER A 12 2.04 -4.78 -5.36
CA SER A 12 1.54 -4.72 -4.00
C SER A 12 2.32 -3.66 -3.21
N ARG A 13 3.57 -3.44 -3.58
CA ARG A 13 4.40 -2.44 -2.94
C ARG A 13 3.90 -1.03 -3.26
N GLN A 14 3.71 -0.76 -4.54
CA GLN A 14 3.25 0.57 -4.96
C GLN A 14 1.85 0.85 -4.43
N HIS A 15 1.05 -0.22 -4.34
CA HIS A 15 -0.28 -0.11 -3.77
C HIS A 15 -0.21 -0.05 -2.26
N GLY A 16 0.86 -0.60 -1.70
CA GLY A 16 1.08 -0.56 -0.27
C GLY A 16 1.51 0.81 0.19
N LEU A 17 2.27 1.50 -0.65
CA LEU A 17 2.62 2.90 -0.38
C LEU A 17 1.34 3.72 -0.29
N ARG A 18 0.44 3.50 -1.24
CA ARG A 18 -0.87 4.12 -1.21
C ARG A 18 -1.62 3.72 0.07
N HIS A 19 -1.50 2.44 0.42
CA HIS A 19 -2.12 1.89 1.62
C HIS A 19 -1.74 2.67 2.88
N PHE A 20 -0.47 3.05 2.98
CA PHE A 20 -0.01 3.80 4.14
C PHE A 20 -0.68 5.16 4.20
N TYR A 21 -0.71 5.86 3.08
CA TYR A 21 -1.36 7.16 3.01
C TYR A 21 -2.86 7.03 3.23
N ASN A 22 -3.44 5.95 2.72
CA ASN A 22 -4.86 5.70 2.89
C ASN A 22 -5.19 5.38 4.34
N ARG A 23 -4.32 4.61 5.00
CA ARG A 23 -4.52 4.30 6.41
C ARG A 23 -4.31 5.56 7.24
N ARG A 24 -3.41 6.42 6.75
CA ARG A 24 -3.14 7.70 7.40
C ARG A 24 -4.37 8.59 7.43
N ARG A 25 -4.92 8.85 6.24
CA ARG A 25 -6.09 9.72 6.13
C ARG A 25 -7.27 9.11 6.87
N ARG A 26 -7.37 7.79 6.85
CA ARG A 26 -8.44 7.08 7.53
C ARG A 26 -8.33 7.26 9.04
N SER A 27 -7.10 7.22 9.55
CA SER A 27 -6.87 7.38 10.97
C SER A 27 -7.17 8.81 11.39
N LEU A 28 -6.88 9.74 10.50
CA LEU A 28 -7.11 11.16 10.75
C LEU A 28 -8.60 11.48 10.72
N ARG A 29 -9.38 10.63 10.04
CA ARG A 29 -10.82 10.78 10.02
C ARG A 29 -11.39 10.59 11.42
N ARG A 30 -10.63 9.90 12.26
CA ARG A 30 -10.98 9.72 13.66
C ARG A 30 -10.05 10.55 14.53
N TYR A 31 -9.68 11.72 14.00
CA TYR A 31 -8.80 12.68 14.68
C TYR A 31 -7.34 12.23 14.68
N PRO A 32 -6.41 13.19 14.70
CA PRO A 32 -6.73 14.62 14.68
C PRO A 32 -7.02 15.14 13.26
N SER A 1 10.28 -17.54 -5.07
CA SER A 1 9.19 -17.04 -5.93
C SER A 1 9.77 -16.59 -7.27
N THR A 2 8.99 -16.77 -8.33
CA THR A 2 9.44 -16.44 -9.67
C THR A 2 9.42 -14.93 -9.92
N ARG A 3 9.96 -14.51 -11.06
CA ARG A 3 9.99 -13.10 -11.41
C ARG A 3 8.59 -12.49 -11.39
N LYS A 4 7.65 -13.20 -12.00
CA LYS A 4 6.26 -12.77 -12.01
C LYS A 4 5.76 -12.42 -10.61
N GLN A 5 6.08 -13.28 -9.65
CA GLN A 5 5.68 -13.08 -8.27
C GLN A 5 6.32 -11.82 -7.70
N ASN A 6 7.61 -11.64 -8.00
CA ASN A 6 8.35 -10.49 -7.51
C ASN A 6 7.84 -9.20 -8.15
N TYR A 7 7.50 -9.28 -9.42
CA TYR A 7 6.96 -8.15 -10.14
C TYR A 7 5.58 -7.78 -9.62
N MET A 8 4.69 -8.76 -9.47
CA MET A 8 3.35 -8.50 -8.96
C MET A 8 3.42 -8.05 -7.50
N MET A 9 4.48 -8.46 -6.80
CA MET A 9 4.71 -7.98 -5.46
C MET A 9 5.18 -6.53 -5.50
N ASN A 10 6.04 -6.20 -6.46
CA ASN A 10 6.50 -4.82 -6.63
C ASN A 10 5.32 -3.94 -7.04
N PHE A 11 4.49 -4.49 -7.90
CA PHE A 11 3.24 -3.85 -8.31
C PHE A 11 2.32 -3.66 -7.12
N SER A 12 2.27 -4.65 -6.25
CA SER A 12 1.43 -4.58 -5.06
C SER A 12 2.05 -3.64 -4.02
N ARG A 13 3.37 -3.45 -4.08
CA ARG A 13 4.04 -2.53 -3.18
C ARG A 13 3.81 -1.08 -3.60
N GLN A 14 3.86 -0.84 -4.91
CA GLN A 14 3.64 0.51 -5.43
C GLN A 14 2.17 0.89 -5.30
N HIS A 15 1.31 -0.11 -5.29
CA HIS A 15 -0.12 0.11 -5.08
C HIS A 15 -0.44 0.14 -3.60
N GLY A 16 0.34 -0.61 -2.83
CA GLY A 16 0.19 -0.61 -1.38
C GLY A 16 0.67 0.68 -0.76
N LEU A 17 1.30 1.53 -1.57
CA LEU A 17 1.72 2.84 -1.12
C LEU A 17 0.51 3.67 -0.69
N ARG A 18 -0.60 3.51 -1.43
CA ARG A 18 -1.83 4.21 -1.11
C ARG A 18 -2.36 3.78 0.25
N HIS A 19 -2.07 2.55 0.64
CA HIS A 19 -2.48 2.03 1.93
C HIS A 19 -1.97 2.91 3.07
N PHE A 20 -0.76 3.45 2.90
CA PHE A 20 -0.19 4.34 3.91
C PHE A 20 -0.96 5.66 3.96
N TYR A 21 -1.30 6.17 2.79
CA TYR A 21 -2.06 7.42 2.72
C TYR A 21 -3.49 7.20 3.22
N ASN A 22 -4.04 6.05 2.90
CA ASN A 22 -5.38 5.68 3.33
C ASN A 22 -5.43 5.48 4.85
N ARG A 23 -4.36 4.94 5.42
CA ARG A 23 -4.30 4.78 6.87
C ARG A 23 -4.03 6.13 7.53
N ARG A 24 -3.47 7.06 6.76
CA ARG A 24 -3.21 8.39 7.23
C ARG A 24 -4.52 9.17 7.26
N ARG A 25 -5.34 8.99 6.22
CA ARG A 25 -6.67 9.57 6.18
C ARG A 25 -7.50 9.07 7.35
N ARG A 26 -7.32 7.79 7.67
CA ARG A 26 -7.99 7.17 8.80
C ARG A 26 -7.60 7.88 10.10
N SER A 27 -6.37 8.39 10.15
CA SER A 27 -5.85 9.05 11.33
C SER A 27 -6.55 10.38 11.58
N LEU A 28 -7.21 10.89 10.55
CA LEU A 28 -7.95 12.14 10.66
C LEU A 28 -9.43 11.87 10.95
N ARG A 29 -9.82 10.60 10.82
CA ARG A 29 -11.20 10.20 11.06
C ARG A 29 -11.31 9.48 12.40
N ARG A 30 -10.29 9.61 13.21
CA ARG A 30 -10.25 8.99 14.52
C ARG A 30 -10.08 10.06 15.58
N TYR A 31 -10.12 9.64 16.82
CA TYR A 31 -9.86 10.51 17.94
C TYR A 31 -9.49 9.71 19.18
N PRO A 32 -8.57 10.22 20.00
CA PRO A 32 -7.88 11.48 19.75
C PRO A 32 -6.59 11.28 18.95
N SER A 1 9.10 -16.53 -2.03
CA SER A 1 8.49 -15.76 -3.12
C SER A 1 9.46 -15.62 -4.29
N THR A 2 9.03 -16.08 -5.47
CA THR A 2 9.86 -16.01 -6.67
C THR A 2 9.86 -14.60 -7.25
N ARG A 3 10.59 -14.40 -8.34
CA ARG A 3 10.70 -13.09 -8.97
C ARG A 3 9.32 -12.52 -9.33
N LYS A 4 8.52 -13.34 -10.00
CA LYS A 4 7.17 -12.92 -10.41
C LYS A 4 6.35 -12.44 -9.23
N GLN A 5 6.54 -13.09 -8.08
CA GLN A 5 5.82 -12.73 -6.87
C GLN A 5 6.30 -11.39 -6.36
N ASN A 6 7.61 -11.16 -6.43
CA ASN A 6 8.18 -9.89 -5.98
C ASN A 6 7.76 -8.78 -6.92
N TYR A 7 7.66 -9.12 -8.20
CA TYR A 7 7.23 -8.17 -9.22
C TYR A 7 5.77 -7.78 -9.02
N MET A 8 4.90 -8.78 -8.86
CA MET A 8 3.49 -8.49 -8.65
C MET A 8 3.28 -7.80 -7.31
N MET A 9 4.16 -8.06 -6.35
CA MET A 9 4.11 -7.37 -5.08
C MET A 9 4.62 -5.95 -5.20
N ASN A 10 5.57 -5.73 -6.12
CA ASN A 10 6.06 -4.40 -6.40
C ASN A 10 5.00 -3.62 -7.17
N PHE A 11 4.39 -4.31 -8.13
CA PHE A 11 3.29 -3.77 -8.91
C PHE A 11 2.12 -3.40 -7.99
N SER A 12 1.77 -4.31 -7.08
CA SER A 12 0.71 -4.06 -6.13
C SER A 12 1.16 -2.99 -5.12
N ARG A 13 2.46 -2.87 -4.93
CA ARG A 13 3.00 -1.86 -4.03
C ARG A 13 2.78 -0.47 -4.61
N GLN A 14 3.14 -0.29 -5.88
CA GLN A 14 2.94 0.98 -6.57
C GLN A 14 1.46 1.34 -6.65
N HIS A 15 0.61 0.32 -6.79
CA HIS A 15 -0.83 0.54 -6.83
C HIS A 15 -1.37 0.79 -5.43
N GLY A 16 -0.67 0.29 -4.44
CA GLY A 16 -1.08 0.46 -3.07
C GLY A 16 -0.50 1.71 -2.45
N LEU A 17 0.33 2.42 -3.23
CA LEU A 17 0.98 3.63 -2.77
C LEU A 17 -0.06 4.60 -2.19
N ARG A 18 -1.13 4.82 -2.95
CA ARG A 18 -2.21 5.69 -2.50
C ARG A 18 -3.02 5.01 -1.39
N HIS A 19 -3.12 3.69 -1.47
CA HIS A 19 -3.86 2.90 -0.49
C HIS A 19 -3.26 3.09 0.90
N PHE A 20 -1.94 3.15 0.96
CA PHE A 20 -1.24 3.38 2.22
C PHE A 20 -1.68 4.70 2.85
N TYR A 21 -1.56 5.77 2.09
CA TYR A 21 -1.87 7.10 2.59
C TYR A 21 -3.35 7.25 2.93
N ASN A 22 -4.20 6.58 2.17
CA ASN A 22 -5.63 6.56 2.45
C ASN A 22 -5.89 5.97 3.84
N ARG A 23 -5.21 4.88 4.15
CA ARG A 23 -5.34 4.23 5.45
C ARG A 23 -4.61 5.03 6.52
N ARG A 24 -3.49 5.66 6.13
CA ARG A 24 -2.74 6.53 7.03
C ARG A 24 -3.63 7.65 7.55
N ARG A 25 -4.29 8.33 6.61
CA ARG A 25 -5.20 9.42 6.93
C ARG A 25 -6.30 8.93 7.89
N ARG A 26 -6.77 7.72 7.64
CA ARG A 26 -7.78 7.10 8.50
C ARG A 26 -7.20 6.86 9.89
N SER A 27 -5.97 6.36 9.94
CA SER A 27 -5.33 6.01 11.19
C SER A 27 -5.01 7.25 12.02
N LEU A 28 -4.79 8.36 11.34
CA LEU A 28 -4.50 9.63 11.99
C LEU A 28 -5.69 10.11 12.80
N ARG A 29 -6.87 10.05 12.19
CA ARG A 29 -8.10 10.47 12.84
C ARG A 29 -8.69 9.34 13.67
N ARG A 30 -7.88 8.32 13.91
CA ARG A 30 -8.26 7.21 14.76
C ARG A 30 -7.19 6.96 15.80
N TYR A 31 -6.50 8.03 16.18
CA TYR A 31 -5.45 7.96 17.18
C TYR A 31 -5.64 9.07 18.21
N PRO A 32 -5.44 8.77 19.50
CA PRO A 32 -5.11 7.44 19.98
C PRO A 32 -6.36 6.63 20.35
N SER A 1 12.07 -16.07 -11.54
CA SER A 1 10.67 -15.56 -11.46
C SER A 1 10.33 -14.79 -12.74
N THR A 2 9.07 -14.85 -13.15
CA THR A 2 8.62 -14.14 -14.33
C THR A 2 8.26 -12.70 -14.00
N ARG A 3 7.92 -11.91 -15.02
CA ARG A 3 7.58 -10.52 -14.80
C ARG A 3 6.41 -10.37 -13.83
N LYS A 4 5.36 -11.15 -14.08
CA LYS A 4 4.16 -11.08 -13.25
C LYS A 4 4.49 -11.36 -11.79
N GLN A 5 5.39 -12.31 -11.54
CA GLN A 5 5.84 -12.64 -10.19
C GLN A 5 6.56 -11.45 -9.55
N ASN A 6 7.34 -10.74 -10.35
CA ASN A 6 8.07 -9.57 -9.87
C ASN A 6 7.11 -8.38 -9.73
N TYR A 7 6.12 -8.34 -10.61
CA TYR A 7 5.11 -7.30 -10.57
C TYR A 7 4.24 -7.44 -9.34
N MET A 8 3.77 -8.65 -9.06
CA MET A 8 2.94 -8.88 -7.88
C MET A 8 3.75 -8.62 -6.60
N MET A 9 5.06 -8.79 -6.70
CA MET A 9 5.96 -8.44 -5.61
C MET A 9 6.00 -6.93 -5.44
N ASN A 10 6.06 -6.20 -6.56
CA ASN A 10 6.04 -4.75 -6.52
C ASN A 10 4.67 -4.25 -6.08
N PHE A 11 3.65 -4.93 -6.57
CA PHE A 11 2.27 -4.68 -6.21
C PHE A 11 2.08 -4.80 -4.70
N SER A 12 2.69 -5.82 -4.11
CA SER A 12 2.65 -6.02 -2.67
C SER A 12 3.41 -4.92 -1.94
N ARG A 13 4.56 -4.53 -2.49
CA ARG A 13 5.35 -3.44 -1.92
C ARG A 13 4.57 -2.13 -1.94
N GLN A 14 3.95 -1.83 -3.08
CA GLN A 14 3.17 -0.61 -3.24
C GLN A 14 1.98 -0.61 -2.29
N HIS A 15 1.39 -1.78 -2.09
CA HIS A 15 0.26 -1.94 -1.17
C HIS A 15 0.67 -1.55 0.25
N GLY A 16 1.86 -1.96 0.66
CA GLY A 16 2.35 -1.60 1.97
C GLY A 16 2.76 -0.14 2.05
N LEU A 17 3.03 0.45 0.89
CA LEU A 17 3.43 1.84 0.81
C LEU A 17 2.21 2.74 0.99
N ARG A 18 1.14 2.47 0.24
CA ARG A 18 -0.09 3.23 0.35
C ARG A 18 -0.76 2.97 1.70
N HIS A 19 -0.45 1.81 2.27
CA HIS A 19 -0.90 1.44 3.60
C HIS A 19 -0.68 2.57 4.61
N PHE A 20 0.48 3.21 4.52
CA PHE A 20 0.80 4.32 5.42
C PHE A 20 -0.16 5.49 5.22
N TYR A 21 -0.41 5.82 3.96
CA TYR A 21 -1.27 6.95 3.63
C TYR A 21 -2.72 6.64 3.92
N ASN A 22 -3.10 5.38 3.83
CA ASN A 22 -4.44 4.95 4.21
C ASN A 22 -4.66 5.16 5.70
N ARG A 23 -3.61 4.91 6.48
CA ARG A 23 -3.64 5.16 7.91
C ARG A 23 -3.71 6.66 8.17
N ARG A 24 -3.01 7.43 7.35
CA ARG A 24 -3.06 8.88 7.41
C ARG A 24 -4.46 9.36 7.08
N ARG A 25 -5.01 8.83 6.00
CA ARG A 25 -6.34 9.18 5.52
C ARG A 25 -7.41 8.65 6.48
N ARG A 26 -7.03 7.68 7.30
CA ARG A 26 -7.95 7.11 8.29
C ARG A 26 -8.42 8.19 9.26
N SER A 27 -7.51 9.08 9.63
CA SER A 27 -7.84 10.13 10.59
C SER A 27 -8.34 11.38 9.87
N LEU A 28 -8.25 11.37 8.56
CA LEU A 28 -8.60 12.54 7.76
C LEU A 28 -9.82 12.26 6.88
N ARG A 29 -10.60 11.26 7.25
CA ARG A 29 -11.79 10.91 6.48
C ARG A 29 -13.06 11.35 7.21
N ARG A 30 -12.89 11.87 8.42
CA ARG A 30 -14.01 12.37 9.20
C ARG A 30 -13.84 13.85 9.50
N TYR A 31 -14.75 14.65 8.95
CA TYR A 31 -14.75 16.08 9.19
C TYR A 31 -16.15 16.65 8.94
N PRO A 32 -16.52 17.73 9.63
CA PRO A 32 -15.69 18.36 10.65
C PRO A 32 -15.83 17.68 12.00
N SER A 1 11.25 -17.07 -6.04
CA SER A 1 10.44 -15.99 -6.68
C SER A 1 11.25 -15.31 -7.77
N THR A 2 10.72 -15.34 -9.00
CA THR A 2 11.40 -14.74 -10.14
C THR A 2 11.14 -13.24 -10.21
N ARG A 3 11.74 -12.59 -11.19
CA ARG A 3 11.62 -11.13 -11.33
C ARG A 3 10.17 -10.70 -11.46
N LYS A 4 9.43 -11.34 -12.36
CA LYS A 4 8.02 -11.01 -12.56
C LYS A 4 7.23 -11.13 -11.26
N GLN A 5 7.60 -12.12 -10.44
CA GLN A 5 6.96 -12.33 -9.15
C GLN A 5 7.28 -11.16 -8.23
N ASN A 6 8.52 -10.69 -8.29
CA ASN A 6 8.94 -9.53 -7.49
C ASN A 6 8.20 -8.28 -7.97
N TYR A 7 8.04 -8.15 -9.28
CA TYR A 7 7.34 -7.02 -9.86
C TYR A 7 5.87 -7.02 -9.45
N MET A 8 5.18 -8.15 -9.62
CA MET A 8 3.78 -8.23 -9.25
C MET A 8 3.62 -8.07 -7.74
N MET A 9 4.66 -8.42 -6.99
CA MET A 9 4.67 -8.20 -5.57
C MET A 9 4.85 -6.71 -5.27
N ASN A 10 5.71 -6.04 -6.03
CA ASN A 10 5.87 -4.59 -5.92
C ASN A 10 4.60 -3.88 -6.33
N PHE A 11 3.98 -4.38 -7.39
CA PHE A 11 2.71 -3.88 -7.89
C PHE A 11 1.62 -4.06 -6.83
N SER A 12 1.57 -5.25 -6.24
CA SER A 12 0.62 -5.52 -5.16
C SER A 12 0.96 -4.68 -3.94
N ARG A 13 2.25 -4.48 -3.71
CA ARG A 13 2.72 -3.73 -2.54
C ARG A 13 2.30 -2.27 -2.62
N GLN A 14 2.38 -1.67 -3.80
CA GLN A 14 1.98 -0.28 -3.99
C GLN A 14 0.47 -0.14 -3.89
N HIS A 15 -0.23 -1.22 -4.24
CA HIS A 15 -1.67 -1.25 -4.16
C HIS A 15 -2.12 -1.41 -2.71
N GLY A 16 -1.46 -2.29 -1.99
CA GLY A 16 -1.73 -2.44 -0.58
C GLY A 16 -1.28 -1.22 0.20
N LEU A 17 -0.22 -0.56 -0.28
CA LEU A 17 0.27 0.66 0.32
C LEU A 17 -0.84 1.71 0.31
N ARG A 18 -1.56 1.80 -0.81
CA ARG A 18 -2.67 2.72 -0.95
C ARG A 18 -3.69 2.47 0.16
N HIS A 19 -3.94 1.21 0.45
CA HIS A 19 -4.87 0.81 1.50
C HIS A 19 -4.47 1.41 2.84
N PHE A 20 -3.20 1.25 3.20
CA PHE A 20 -2.68 1.80 4.43
C PHE A 20 -2.63 3.32 4.36
N TYR A 21 -2.23 3.83 3.19
CA TYR A 21 -2.11 5.26 2.95
C TYR A 21 -3.45 5.96 3.13
N ASN A 22 -4.51 5.33 2.67
CA ASN A 22 -5.85 5.86 2.85
C ASN A 22 -6.23 5.90 4.32
N ARG A 23 -5.78 4.90 5.05
CA ARG A 23 -5.96 4.86 6.49
C ARG A 23 -5.12 5.95 7.15
N ARG A 24 -3.93 6.17 6.60
CA ARG A 24 -3.04 7.23 7.05
C ARG A 24 -3.70 8.60 6.88
N ARG A 25 -4.36 8.80 5.74
CA ARG A 25 -5.04 10.05 5.45
C ARG A 25 -6.11 10.35 6.50
N ARG A 26 -6.71 9.30 7.05
CA ARG A 26 -7.75 9.45 8.03
C ARG A 26 -7.18 9.55 9.44
N SER A 27 -6.24 8.67 9.78
CA SER A 27 -5.68 8.62 11.13
C SER A 27 -4.90 9.89 11.49
N LEU A 28 -4.41 10.58 10.47
CA LEU A 28 -3.70 11.83 10.67
C LEU A 28 -4.69 12.96 10.97
N ARG A 29 -5.96 12.70 10.74
CA ARG A 29 -7.02 13.63 11.09
C ARG A 29 -7.76 13.15 12.32
N ARG A 30 -7.89 11.83 12.44
CA ARG A 30 -8.48 11.20 13.60
C ARG A 30 -7.39 10.92 14.64
N TYR A 31 -6.48 11.88 14.77
CA TYR A 31 -5.37 11.77 15.72
C TYR A 31 -5.87 11.81 17.17
N PRO A 32 -6.76 12.77 17.52
CA PRO A 32 -7.11 13.89 16.67
C PRO A 32 -6.48 15.20 17.14
N SER A 1 11.81 -16.35 -8.96
CA SER A 1 10.40 -16.04 -9.30
C SER A 1 10.34 -15.28 -10.62
N THR A 2 9.29 -15.54 -11.40
CA THR A 2 9.15 -14.94 -12.72
C THR A 2 8.76 -13.46 -12.63
N ARG A 3 8.71 -12.80 -13.78
CA ARG A 3 8.41 -11.37 -13.84
C ARG A 3 7.08 -11.05 -13.16
N LYS A 4 6.03 -11.79 -13.52
CA LYS A 4 4.72 -11.60 -12.96
C LYS A 4 4.76 -11.61 -11.43
N GLN A 5 5.58 -12.51 -10.87
CA GLN A 5 5.72 -12.60 -9.42
C GLN A 5 6.38 -11.34 -8.88
N ASN A 6 7.40 -10.86 -9.58
CA ASN A 6 8.09 -9.63 -9.19
C ASN A 6 7.13 -8.45 -9.31
N TYR A 7 6.29 -8.48 -10.33
CA TYR A 7 5.29 -7.45 -10.56
C TYR A 7 4.24 -7.43 -9.46
N MET A 8 3.71 -8.60 -9.10
CA MET A 8 2.71 -8.66 -8.05
C MET A 8 3.34 -8.38 -6.69
N MET A 9 4.65 -8.58 -6.60
CA MET A 9 5.40 -8.16 -5.44
C MET A 9 5.51 -6.64 -5.42
N ASN A 10 5.75 -6.05 -6.59
CA ASN A 10 5.75 -4.60 -6.74
C ASN A 10 4.38 -4.05 -6.39
N PHE A 11 3.36 -4.81 -6.74
CA PHE A 11 1.98 -4.48 -6.39
C PHE A 11 1.82 -4.46 -4.88
N SER A 12 2.40 -5.45 -4.21
CA SER A 12 2.36 -5.52 -2.76
C SER A 12 3.21 -4.40 -2.14
N ARG A 13 4.31 -4.06 -2.80
CA ARG A 13 5.20 -3.01 -2.32
C ARG A 13 4.52 -1.66 -2.36
N GLN A 14 3.86 -1.35 -3.48
CA GLN A 14 3.17 -0.08 -3.61
C GLN A 14 2.02 0.00 -2.61
N HIS A 15 1.48 -1.16 -2.26
CA HIS A 15 0.41 -1.24 -1.27
C HIS A 15 0.94 -1.02 0.14
N GLY A 16 2.14 -1.53 0.40
CA GLY A 16 2.77 -1.35 1.69
C GLY A 16 3.17 0.09 1.92
N LEU A 17 3.57 0.76 0.84
CA LEU A 17 3.90 2.17 0.90
C LEU A 17 2.63 3.00 1.04
N ARG A 18 1.63 2.65 0.24
CA ARG A 18 0.33 3.33 0.29
C ARG A 18 -0.33 3.15 1.64
N HIS A 19 -0.01 2.05 2.32
CA HIS A 19 -0.58 1.75 3.63
C HIS A 19 -0.45 2.93 4.59
N PHE A 20 0.69 3.61 4.55
CA PHE A 20 0.94 4.77 5.40
C PHE A 20 -0.07 5.87 5.09
N TYR A 21 -0.14 6.25 3.82
CA TYR A 21 -1.01 7.33 3.38
C TYR A 21 -2.47 6.93 3.48
N ASN A 22 -2.75 5.65 3.32
CA ASN A 22 -4.12 5.15 3.44
C ASN A 22 -4.58 5.22 4.89
N ARG A 23 -3.66 4.99 5.82
CA ARG A 23 -3.96 5.10 7.23
C ARG A 23 -4.12 6.57 7.59
N ARG A 24 -3.29 7.40 6.95
CA ARG A 24 -3.41 8.85 7.07
C ARG A 24 -4.80 9.30 6.59
N ARG A 25 -5.16 8.84 5.40
CA ARG A 25 -6.45 9.14 4.80
C ARG A 25 -7.59 8.74 5.73
N ARG A 26 -7.46 7.57 6.34
CA ARG A 26 -8.45 7.07 7.28
C ARG A 26 -8.52 7.95 8.53
N SER A 27 -7.39 8.57 8.86
CA SER A 27 -7.31 9.40 10.05
C SER A 27 -7.84 10.81 9.77
N LEU A 28 -8.16 11.07 8.50
CA LEU A 28 -8.72 12.36 8.11
C LEU A 28 -10.22 12.24 7.86
N ARG A 29 -10.70 11.01 7.71
CA ARG A 29 -12.11 10.77 7.49
C ARG A 29 -12.75 10.11 8.71
N ARG A 30 -11.93 9.90 9.73
CA ARG A 30 -12.37 9.26 10.95
C ARG A 30 -11.39 9.61 12.06
N TYR A 31 -11.79 9.34 13.29
CA TYR A 31 -10.97 9.59 14.48
C TYR A 31 -10.90 11.07 14.82
N PRO A 32 -10.83 11.38 16.12
CA PRO A 32 -10.96 10.38 17.18
C PRO A 32 -12.41 10.01 17.47
N SER A 1 11.89 -16.91 -6.92
CA SER A 1 10.71 -16.26 -7.55
C SER A 1 11.12 -15.59 -8.86
N THR A 2 10.33 -15.81 -9.91
CA THR A 2 10.63 -15.26 -11.21
C THR A 2 10.25 -13.77 -11.31
N ARG A 3 10.64 -13.14 -12.40
CA ARG A 3 10.38 -11.72 -12.61
C ARG A 3 8.90 -11.37 -12.43
N LYS A 4 8.04 -12.17 -13.06
CA LYS A 4 6.61 -11.95 -12.99
C LYS A 4 6.12 -11.96 -11.54
N GLN A 5 6.71 -12.83 -10.72
CA GLN A 5 6.37 -12.92 -9.31
C GLN A 5 6.86 -11.70 -8.56
N ASN A 6 8.01 -11.17 -8.99
CA ASN A 6 8.58 -9.98 -8.37
C ASN A 6 7.81 -8.73 -8.78
N TYR A 7 7.33 -8.72 -10.01
CA TYR A 7 6.55 -7.59 -10.52
C TYR A 7 5.20 -7.51 -9.83
N MET A 8 4.54 -8.66 -9.67
CA MET A 8 3.25 -8.68 -8.98
C MET A 8 3.44 -8.36 -7.51
N MET A 9 4.64 -8.63 -7.00
CA MET A 9 5.02 -8.28 -5.67
C MET A 9 5.20 -6.77 -5.58
N ASN A 10 5.93 -6.22 -6.56
CA ASN A 10 6.11 -4.78 -6.66
C ASN A 10 4.79 -4.07 -6.87
N PHE A 11 3.90 -4.71 -7.62
CA PHE A 11 2.55 -4.24 -7.82
C PHE A 11 1.80 -4.19 -6.49
N SER A 12 1.90 -5.26 -5.72
CA SER A 12 1.29 -5.30 -4.40
C SER A 12 2.01 -4.34 -3.45
N ARG A 13 3.30 -4.14 -3.70
CA ARG A 13 4.12 -3.24 -2.90
C ARG A 13 3.63 -1.81 -3.03
N GLN A 14 3.39 -1.37 -4.26
CA GLN A 14 2.93 0.00 -4.50
C GLN A 14 1.53 0.19 -3.94
N HIS A 15 0.77 -0.90 -3.86
CA HIS A 15 -0.55 -0.89 -3.26
C HIS A 15 -0.43 -0.82 -1.74
N GLY A 16 0.47 -1.63 -1.19
CA GLY A 16 0.70 -1.65 0.23
C GLY A 16 1.28 -0.34 0.74
N LEU A 17 2.00 0.34 -0.13
CA LEU A 17 2.58 1.64 0.21
C LEU A 17 1.46 2.66 0.42
N ARG A 18 0.51 2.69 -0.50
CA ARG A 18 -0.64 3.59 -0.39
C ARG A 18 -1.54 3.17 0.76
N HIS A 19 -1.55 1.88 1.04
CA HIS A 19 -2.33 1.31 2.13
C HIS A 19 -2.04 2.03 3.44
N PHE A 20 -0.78 2.44 3.62
CA PHE A 20 -0.38 3.19 4.81
C PHE A 20 -1.08 4.54 4.84
N TYR A 21 -0.93 5.31 3.77
CA TYR A 21 -1.52 6.65 3.69
C TYR A 21 -3.03 6.60 3.81
N ASN A 22 -3.64 5.57 3.25
CA ASN A 22 -5.09 5.40 3.33
C ASN A 22 -5.54 5.19 4.77
N ARG A 23 -4.67 4.56 5.57
CA ARG A 23 -4.94 4.37 6.99
C ARG A 23 -4.64 5.66 7.75
N ARG A 24 -3.67 6.41 7.25
CA ARG A 24 -3.31 7.69 7.84
C ARG A 24 -4.44 8.69 7.72
N ARG A 25 -5.06 8.73 6.54
CA ARG A 25 -6.18 9.63 6.28
C ARG A 25 -7.38 9.29 7.17
N ARG A 26 -7.44 8.04 7.60
CA ARG A 26 -8.51 7.60 8.48
C ARG A 26 -8.37 8.25 9.87
N SER A 27 -7.15 8.63 10.20
CA SER A 27 -6.87 9.31 11.46
C SER A 27 -6.99 10.82 11.31
N LEU A 28 -7.23 11.27 10.08
CA LEU A 28 -7.28 12.69 9.79
C LEU A 28 -8.74 13.17 9.70
N ARG A 29 -9.66 12.40 10.27
CA ARG A 29 -11.06 12.77 10.27
C ARG A 29 -11.45 13.45 11.57
N ARG A 30 -10.47 13.62 12.46
CA ARG A 30 -10.70 14.28 13.74
C ARG A 30 -10.17 15.70 13.71
N TYR A 31 -11.08 16.66 13.64
CA TYR A 31 -10.73 18.07 13.58
C TYR A 31 -10.55 18.63 14.99
N PRO A 32 -9.81 19.75 15.13
CA PRO A 32 -9.15 20.45 14.03
C PRO A 32 -7.76 19.86 13.75
N SER A 1 9.88 -15.06 -8.01
CA SER A 1 10.50 -16.03 -8.93
C SER A 1 10.28 -15.60 -10.39
N THR A 2 9.08 -15.81 -10.92
CA THR A 2 8.80 -15.46 -12.30
C THR A 2 8.39 -14.00 -12.43
N ARG A 3 8.13 -13.56 -13.65
CA ARG A 3 7.77 -12.16 -13.90
C ARG A 3 6.51 -11.77 -13.12
N LYS A 4 5.47 -12.58 -13.22
CA LYS A 4 4.22 -12.31 -12.51
C LYS A 4 4.48 -12.19 -11.00
N GLN A 5 5.41 -13.00 -10.51
CA GLN A 5 5.75 -13.02 -9.10
C GLN A 5 6.47 -11.74 -8.70
N ASN A 6 7.29 -11.22 -9.61
CA ASN A 6 8.00 -9.96 -9.36
C ASN A 6 7.03 -8.80 -9.42
N TYR A 7 6.10 -8.87 -10.35
CA TYR A 7 5.08 -7.83 -10.51
C TYR A 7 4.16 -7.77 -9.29
N MET A 8 3.66 -8.92 -8.84
CA MET A 8 2.79 -8.95 -7.67
C MET A 8 3.57 -8.51 -6.42
N MET A 9 4.87 -8.67 -6.45
CA MET A 9 5.73 -8.17 -5.40
C MET A 9 5.84 -6.65 -5.49
N ASN A 10 6.05 -6.15 -6.69
CA ASN A 10 6.11 -4.71 -6.93
C ASN A 10 4.76 -4.07 -6.64
N PHE A 11 3.71 -4.78 -7.01
CA PHE A 11 2.34 -4.40 -6.72
C PHE A 11 2.13 -4.23 -5.22
N SER A 12 2.70 -5.15 -4.45
CA SER A 12 2.61 -5.09 -3.00
C SER A 12 3.46 -3.95 -2.46
N ARG A 13 4.58 -3.68 -3.12
CA ARG A 13 5.47 -2.59 -2.71
C ARG A 13 4.82 -1.24 -2.93
N GLN A 14 4.23 -1.03 -4.10
CA GLN A 14 3.58 0.24 -4.42
C GLN A 14 2.35 0.44 -3.54
N HIS A 15 1.67 -0.66 -3.24
CA HIS A 15 0.49 -0.61 -2.37
C HIS A 15 0.92 -0.46 -0.91
N GLY A 16 2.16 -0.81 -0.64
CA GLY A 16 2.71 -0.60 0.68
C GLY A 16 3.01 0.86 0.94
N LEU A 17 3.28 1.60 -0.14
CA LEU A 17 3.49 3.03 -0.06
C LEU A 17 2.16 3.71 0.23
N ARG A 18 1.12 3.28 -0.49
CA ARG A 18 -0.23 3.79 -0.30
C ARG A 18 -0.74 3.46 1.10
N HIS A 19 -0.29 2.31 1.61
CA HIS A 19 -0.63 1.86 2.97
C HIS A 19 -0.47 2.99 3.98
N PHE A 20 0.62 3.74 3.87
CA PHE A 20 0.89 4.84 4.78
C PHE A 20 -0.18 5.92 4.67
N TYR A 21 -0.40 6.38 3.45
CA TYR A 21 -1.29 7.52 3.22
C TYR A 21 -2.76 7.15 3.39
N ASN A 22 -3.08 5.89 3.12
CA ASN A 22 -4.43 5.40 3.33
C ASN A 22 -4.77 5.41 4.81
N ARG A 23 -3.81 5.00 5.63
CA ARG A 23 -3.99 5.02 7.08
C ARG A 23 -4.02 6.46 7.58
N ARG A 24 -3.19 7.31 6.98
CA ARG A 24 -3.16 8.73 7.30
C ARG A 24 -4.54 9.36 7.12
N ARG A 25 -5.09 9.23 5.91
CA ARG A 25 -6.39 9.81 5.60
C ARG A 25 -7.50 9.14 6.40
N ARG A 26 -7.33 7.85 6.69
CA ARG A 26 -8.29 7.13 7.51
C ARG A 26 -8.30 7.69 8.93
N SER A 27 -7.14 8.13 9.39
CA SER A 27 -7.00 8.69 10.73
C SER A 27 -7.67 10.06 10.82
N LEU A 28 -7.87 10.68 9.67
CA LEU A 28 -8.44 12.01 9.61
C LEU A 28 -9.96 11.97 9.54
N ARG A 29 -10.49 10.77 9.27
CA ARG A 29 -11.93 10.61 9.16
C ARG A 29 -12.46 9.79 10.34
N ARG A 30 -11.64 9.65 11.37
CA ARG A 30 -12.06 8.95 12.59
C ARG A 30 -12.99 9.83 13.42
N TYR A 31 -14.09 10.23 12.81
CA TYR A 31 -15.03 11.15 13.43
C TYR A 31 -16.45 10.60 13.37
N PRO A 32 -17.35 11.13 14.21
CA PRO A 32 -17.02 12.12 15.25
C PRO A 32 -16.43 11.47 16.49
N SER A 1 11.56 -16.78 -10.62
CA SER A 1 10.32 -15.97 -10.63
C SER A 1 10.25 -15.13 -11.90
N THR A 2 9.12 -15.25 -12.61
CA THR A 2 8.92 -14.55 -13.87
C THR A 2 8.60 -13.07 -13.64
N ARG A 3 8.43 -12.32 -14.73
CA ARG A 3 8.10 -10.91 -14.64
C ARG A 3 6.86 -10.69 -13.77
N LYS A 4 5.80 -11.43 -14.07
CA LYS A 4 4.55 -11.31 -13.32
C LYS A 4 4.77 -11.48 -11.82
N GLN A 5 5.61 -12.45 -11.45
CA GLN A 5 5.90 -12.71 -10.04
C GLN A 5 6.61 -11.51 -9.42
N ASN A 6 7.47 -10.86 -10.19
CA ASN A 6 8.18 -9.68 -9.71
C ASN A 6 7.25 -8.47 -9.72
N TYR A 7 6.32 -8.48 -10.66
CA TYR A 7 5.34 -7.41 -10.80
C TYR A 7 4.35 -7.43 -9.64
N MET A 8 3.88 -8.62 -9.27
CA MET A 8 3.00 -8.74 -8.13
C MET A 8 3.76 -8.48 -6.83
N MET A 9 5.08 -8.64 -6.87
CA MET A 9 5.93 -8.22 -5.77
C MET A 9 5.86 -6.71 -5.63
N ASN A 10 5.96 -6.03 -6.77
CA ASN A 10 5.87 -4.57 -6.83
C ASN A 10 4.47 -4.15 -6.39
N PHE A 11 3.50 -4.95 -6.78
CA PHE A 11 2.11 -4.76 -6.38
C PHE A 11 1.98 -4.81 -4.86
N SER A 12 2.63 -5.80 -4.26
CA SER A 12 2.61 -5.94 -2.82
C SER A 12 3.36 -4.76 -2.16
N ARG A 13 4.48 -4.37 -2.76
CA ARG A 13 5.29 -3.26 -2.24
C ARG A 13 4.50 -1.96 -2.23
N GLN A 14 3.82 -1.66 -3.34
CA GLN A 14 3.06 -0.41 -3.43
C GLN A 14 1.90 -0.42 -2.44
N HIS A 15 1.41 -1.62 -2.14
CA HIS A 15 0.34 -1.80 -1.17
C HIS A 15 0.86 -1.62 0.25
N GLY A 16 2.07 -2.10 0.50
CA GLY A 16 2.69 -1.91 1.79
C GLY A 16 3.11 -0.48 2.02
N LEU A 17 3.39 0.22 0.93
CA LEU A 17 3.77 1.63 0.98
C LEU A 17 2.52 2.47 1.26
N ARG A 18 1.47 2.24 0.48
CA ARG A 18 0.21 2.96 0.63
C ARG A 18 -0.45 2.62 1.96
N HIS A 19 -0.06 1.47 2.51
CA HIS A 19 -0.58 1.01 3.79
C HIS A 19 -0.56 2.11 4.84
N PHE A 20 0.56 2.83 4.92
CA PHE A 20 0.73 3.90 5.90
C PHE A 20 -0.25 5.04 5.62
N TYR A 21 -0.31 5.46 4.36
CA TYR A 21 -1.17 6.57 3.97
C TYR A 21 -2.64 6.24 4.17
N ASN A 22 -2.98 4.97 4.08
CA ASN A 22 -4.35 4.52 4.36
C ASN A 22 -4.75 4.89 5.79
N ARG A 23 -3.84 4.65 6.73
CA ARG A 23 -4.08 5.01 8.13
C ARG A 23 -4.06 6.52 8.31
N ARG A 24 -3.21 7.19 7.55
CA ARG A 24 -3.09 8.64 7.61
C ARG A 24 -4.37 9.31 7.15
N ARG A 25 -5.03 8.73 6.15
CA ARG A 25 -6.26 9.26 5.61
C ARG A 25 -7.44 8.96 6.53
N ARG A 26 -7.23 8.07 7.49
CA ARG A 26 -8.28 7.73 8.44
C ARG A 26 -8.58 8.94 9.33
N SER A 27 -7.56 9.77 9.55
CA SER A 27 -7.73 10.98 10.34
C SER A 27 -8.51 12.03 9.55
N LEU A 28 -8.62 11.80 8.25
CA LEU A 28 -9.33 12.71 7.36
C LEU A 28 -10.78 12.29 7.20
N ARG A 29 -11.15 11.19 7.85
CA ARG A 29 -12.53 10.70 7.81
C ARG A 29 -13.41 11.57 8.68
N ARG A 30 -12.80 12.26 9.64
CA ARG A 30 -13.53 13.18 10.50
C ARG A 30 -13.52 14.57 9.88
N TYR A 31 -13.95 14.63 8.63
CA TYR A 31 -13.98 15.89 7.88
C TYR A 31 -15.26 16.67 8.22
N PRO A 32 -15.23 17.99 8.03
CA PRO A 32 -14.07 18.73 7.54
C PRO A 32 -13.05 19.00 8.63
N SER A 1 11.95 -16.45 -8.10
CA SER A 1 10.62 -15.83 -8.28
C SER A 1 10.34 -15.59 -9.76
N THR A 2 9.14 -15.95 -10.20
CA THR A 2 8.76 -15.76 -11.59
C THR A 2 8.28 -14.33 -11.84
N ARG A 3 7.97 -14.02 -13.09
CA ARG A 3 7.55 -12.67 -13.47
C ARG A 3 6.35 -12.21 -12.64
N LYS A 4 5.34 -13.05 -12.56
CA LYS A 4 4.14 -12.75 -11.80
C LYS A 4 4.49 -12.44 -10.33
N GLN A 5 5.44 -13.19 -9.78
CA GLN A 5 5.88 -13.00 -8.40
C GLN A 5 6.55 -11.64 -8.23
N ASN A 6 7.28 -11.20 -9.26
CA ASN A 6 7.98 -9.92 -9.21
C ASN A 6 6.99 -8.78 -9.41
N TYR A 7 5.93 -9.05 -10.15
CA TYR A 7 4.88 -8.07 -10.38
C TYR A 7 3.98 -7.93 -9.16
N MET A 8 3.57 -9.04 -8.57
CA MET A 8 2.76 -8.97 -7.36
C MET A 8 3.57 -8.32 -6.24
N MET A 9 4.89 -8.41 -6.35
CA MET A 9 5.78 -7.73 -5.43
C MET A 9 5.78 -6.23 -5.69
N ASN A 10 5.85 -5.84 -6.96
CA ASN A 10 5.86 -4.44 -7.32
C ASN A 10 4.49 -3.82 -7.04
N PHE A 11 3.47 -4.64 -7.22
CA PHE A 11 2.09 -4.28 -6.87
C PHE A 11 1.95 -4.09 -5.37
N SER A 12 2.45 -5.05 -4.60
CA SER A 12 2.40 -4.98 -3.16
C SER A 12 3.24 -3.81 -2.66
N ARG A 13 4.39 -3.60 -3.29
CA ARG A 13 5.29 -2.51 -2.93
C ARG A 13 4.61 -1.16 -3.08
N GLN A 14 4.01 -0.94 -4.24
CA GLN A 14 3.35 0.34 -4.52
C GLN A 14 2.12 0.52 -3.64
N HIS A 15 1.46 -0.58 -3.31
CA HIS A 15 0.29 -0.54 -2.45
C HIS A 15 0.69 -0.36 -0.99
N GLY A 16 1.89 -0.82 -0.66
CA GLY A 16 2.42 -0.63 0.68
C GLY A 16 2.84 0.80 0.91
N LEU A 17 3.33 1.44 -0.14
CA LEU A 17 3.76 2.83 -0.07
C LEU A 17 2.56 3.71 0.29
N ARG A 18 1.51 3.60 -0.50
CA ARG A 18 0.29 4.37 -0.28
C ARG A 18 -0.43 3.93 0.98
N HIS A 19 -0.23 2.67 1.38
CA HIS A 19 -0.84 2.10 2.57
C HIS A 19 -0.70 3.04 3.76
N PHE A 20 0.49 3.64 3.90
CA PHE A 20 0.75 4.57 4.99
C PHE A 20 -0.15 5.79 4.88
N TYR A 21 -0.21 6.37 3.68
CA TYR A 21 -0.97 7.59 3.46
C TYR A 21 -2.47 7.33 3.42
N ASN A 22 -2.84 6.08 3.12
CA ASN A 22 -4.22 5.66 3.23
C ASN A 22 -4.65 5.65 4.68
N ARG A 23 -3.80 5.07 5.53
CA ARG A 23 -4.05 5.04 6.96
C ARG A 23 -4.03 6.44 7.54
N ARG A 24 -3.17 7.30 6.99
CA ARG A 24 -3.12 8.70 7.40
C ARG A 24 -4.49 9.35 7.28
N ARG A 25 -5.02 9.35 6.07
CA ARG A 25 -6.34 9.92 5.80
C ARG A 25 -7.41 9.23 6.64
N ARG A 26 -7.33 7.90 6.69
CA ARG A 26 -8.25 7.08 7.46
C ARG A 26 -8.29 7.51 8.93
N SER A 27 -7.12 7.66 9.53
CA SER A 27 -7.02 7.98 10.94
C SER A 27 -7.26 9.45 11.22
N LEU A 28 -7.41 10.24 10.16
CA LEU A 28 -7.70 11.65 10.31
C LEU A 28 -9.20 11.90 10.22
N ARG A 29 -9.89 11.02 9.51
CA ARG A 29 -11.33 11.18 9.31
C ARG A 29 -12.12 10.35 10.31
N ARG A 30 -11.59 9.17 10.68
CA ARG A 30 -12.27 8.26 11.60
C ARG A 30 -13.69 7.93 11.10
N TYR A 31 -13.76 7.01 10.16
CA TYR A 31 -15.03 6.65 9.54
C TYR A 31 -15.17 5.13 9.46
N PRO A 32 -16.36 4.58 9.70
CA PRO A 32 -17.55 5.33 10.09
C PRO A 32 -17.73 5.36 11.60
N SER A 1 10.46 -17.57 -5.57
CA SER A 1 9.80 -16.39 -6.15
C SER A 1 10.61 -15.85 -7.32
N THR A 2 10.10 -16.02 -8.53
CA THR A 2 10.77 -15.56 -9.73
C THR A 2 10.64 -14.05 -9.90
N ARG A 3 11.23 -13.51 -10.96
CA ARG A 3 11.22 -12.08 -11.20
C ARG A 3 9.80 -11.52 -11.25
N LYS A 4 8.94 -12.14 -12.04
CA LYS A 4 7.57 -11.71 -12.20
C LYS A 4 6.84 -11.70 -10.86
N GLN A 5 7.13 -12.70 -10.02
CA GLN A 5 6.54 -12.78 -8.69
C GLN A 5 6.97 -11.58 -7.85
N ASN A 6 8.22 -11.17 -8.01
CA ASN A 6 8.73 -10.00 -7.30
C ASN A 6 8.10 -8.73 -7.87
N TYR A 7 7.91 -8.72 -9.18
CA TYR A 7 7.28 -7.60 -9.87
C TYR A 7 5.82 -7.42 -9.44
N MET A 8 5.07 -8.52 -9.42
CA MET A 8 3.67 -8.44 -8.99
C MET A 8 3.58 -8.10 -7.52
N MET A 9 4.65 -8.38 -6.78
CA MET A 9 4.74 -8.00 -5.39
C MET A 9 5.08 -6.51 -5.28
N ASN A 10 5.93 -6.03 -6.18
CA ASN A 10 6.24 -4.61 -6.26
C ASN A 10 4.99 -3.82 -6.66
N PHE A 11 4.31 -4.34 -7.67
CA PHE A 11 3.04 -3.79 -8.13
C PHE A 11 2.02 -3.78 -6.99
N SER A 12 2.03 -4.85 -6.20
CA SER A 12 1.13 -4.96 -5.04
C SER A 12 1.57 -4.02 -3.93
N ARG A 13 2.88 -3.79 -3.81
CA ARG A 13 3.41 -2.87 -2.82
C ARG A 13 2.94 -1.44 -3.14
N GLN A 14 3.05 -1.07 -4.41
CA GLN A 14 2.63 0.24 -4.86
C GLN A 14 1.13 0.45 -4.61
N HIS A 15 0.37 -0.62 -4.83
CA HIS A 15 -1.08 -0.59 -4.63
C HIS A 15 -1.43 -0.65 -3.15
N GLY A 16 -0.72 -1.49 -2.42
CA GLY A 16 -0.95 -1.63 -1.00
C GLY A 16 -0.60 -0.36 -0.25
N LEU A 17 0.39 0.37 -0.74
CA LEU A 17 0.76 1.66 -0.17
C LEU A 17 -0.46 2.56 -0.16
N ARG A 18 -1.14 2.63 -1.30
CA ARG A 18 -2.34 3.43 -1.44
C ARG A 18 -3.42 2.98 -0.47
N HIS A 19 -3.46 1.67 -0.21
CA HIS A 19 -4.40 1.09 0.73
C HIS A 19 -4.21 1.70 2.12
N PHE A 20 -2.97 1.72 2.58
CA PHE A 20 -2.64 2.31 3.87
C PHE A 20 -2.77 3.83 3.79
N TYR A 21 -2.32 4.39 2.67
CA TYR A 21 -2.28 5.83 2.48
C TYR A 21 -3.66 6.47 2.69
N ASN A 22 -4.69 5.86 2.12
CA ASN A 22 -6.04 6.36 2.25
C ASN A 22 -6.53 6.27 3.69
N ARG A 23 -6.02 5.27 4.40
CA ARG A 23 -6.39 5.04 5.79
C ARG A 23 -5.57 5.91 6.72
N ARG A 24 -4.39 6.31 6.29
CA ARG A 24 -3.53 7.18 7.03
C ARG A 24 -4.19 8.52 7.29
N ARG A 25 -4.94 8.98 6.30
CA ARG A 25 -5.73 10.21 6.45
C ARG A 25 -6.73 10.04 7.60
N ARG A 26 -7.41 8.91 7.60
CA ARG A 26 -8.39 8.59 8.62
C ARG A 26 -7.73 8.45 9.99
N SER A 27 -6.51 7.91 9.98
CA SER A 27 -5.74 7.70 11.20
C SER A 27 -5.23 9.03 11.74
N LEU A 28 -5.13 10.02 10.87
CA LEU A 28 -4.63 11.34 11.24
C LEU A 28 -5.76 12.29 11.58
N ARG A 29 -6.95 11.75 11.83
CA ARG A 29 -8.07 12.56 12.30
C ARG A 29 -7.85 12.89 13.77
N ARG A 30 -7.43 11.90 14.53
CA ARG A 30 -7.06 12.10 15.92
C ARG A 30 -5.63 11.60 16.12
N TYR A 31 -4.73 12.51 16.44
CA TYR A 31 -3.33 12.16 16.59
C TYR A 31 -2.85 12.54 18.00
N PRO A 32 -1.99 11.72 18.62
CA PRO A 32 -1.48 10.48 18.04
C PRO A 32 -2.29 9.25 18.48
N SER A 1 10.11 -16.28 -3.43
CA SER A 1 9.43 -15.66 -4.59
C SER A 1 10.39 -15.52 -5.77
N THR A 2 9.86 -15.67 -6.98
CA THR A 2 10.65 -15.52 -8.19
C THR A 2 10.59 -14.07 -8.69
N ARG A 3 11.24 -13.80 -9.81
CA ARG A 3 11.30 -12.43 -10.34
C ARG A 3 9.91 -11.90 -10.63
N LYS A 4 9.12 -12.66 -11.39
CA LYS A 4 7.77 -12.24 -11.73
C LYS A 4 6.95 -12.04 -10.46
N GLN A 5 7.16 -12.89 -9.48
CA GLN A 5 6.49 -12.79 -8.19
C GLN A 5 6.91 -11.51 -7.47
N ASN A 6 8.18 -11.12 -7.61
CA ASN A 6 8.65 -9.89 -7.01
C ASN A 6 8.10 -8.68 -7.76
N TYR A 7 7.94 -8.85 -9.06
CA TYR A 7 7.37 -7.79 -9.89
C TYR A 7 5.91 -7.56 -9.58
N MET A 8 5.12 -8.63 -9.57
CA MET A 8 3.70 -8.49 -9.26
C MET A 8 3.49 -8.07 -7.81
N MET A 9 4.48 -8.36 -6.97
CA MET A 9 4.49 -7.90 -5.60
C MET A 9 4.82 -6.42 -5.54
N ASN A 10 5.76 -5.98 -6.37
CA ASN A 10 6.13 -4.58 -6.44
C ASN A 10 4.98 -3.79 -7.06
N PHE A 11 4.37 -4.39 -8.06
CA PHE A 11 3.18 -3.83 -8.71
C PHE A 11 2.05 -3.71 -7.70
N SER A 12 1.81 -4.77 -6.94
CA SER A 12 0.78 -4.76 -5.91
C SER A 12 1.14 -3.77 -4.81
N ARG A 13 2.42 -3.74 -4.44
CA ARG A 13 2.92 -2.81 -3.44
C ARG A 13 2.60 -1.37 -3.83
N GLN A 14 2.97 -0.98 -5.05
CA GLN A 14 2.79 0.40 -5.50
C GLN A 14 1.31 0.72 -5.67
N HIS A 15 0.49 -0.32 -5.86
CA HIS A 15 -0.95 -0.13 -6.00
C HIS A 15 -1.64 -0.12 -4.65
N GLY A 16 -1.07 -0.84 -3.70
CA GLY A 16 -1.61 -0.90 -2.37
C GLY A 16 -1.04 0.18 -1.47
N LEU A 17 -0.10 0.95 -2.00
CA LEU A 17 0.51 2.05 -1.27
C LEU A 17 -0.55 3.01 -0.77
N ARG A 18 -1.52 3.33 -1.63
CA ARG A 18 -2.60 4.23 -1.27
C ARG A 18 -3.37 3.70 -0.08
N HIS A 19 -3.49 2.38 -0.01
CA HIS A 19 -4.23 1.72 1.05
C HIS A 19 -3.63 2.04 2.41
N PHE A 20 -2.31 2.06 2.46
CA PHE A 20 -1.60 2.35 3.70
C PHE A 20 -1.85 3.80 4.12
N TYR A 21 -1.71 4.71 3.17
CA TYR A 21 -1.84 6.13 3.46
C TYR A 21 -3.30 6.52 3.68
N ASN A 22 -4.20 5.81 3.03
CA ASN A 22 -5.64 6.00 3.26
C ASN A 22 -6.01 5.63 4.69
N ARG A 23 -5.40 4.55 5.16
CA ARG A 23 -5.58 4.14 6.55
C ARG A 23 -4.95 5.16 7.49
N ARG A 24 -3.80 5.66 7.08
CA ARG A 24 -3.12 6.72 7.83
C ARG A 24 -4.02 7.95 7.93
N ARG A 25 -4.56 8.36 6.79
CA ARG A 25 -5.45 9.51 6.73
C ARG A 25 -6.63 9.34 7.67
N ARG A 26 -7.17 8.13 7.72
CA ARG A 26 -8.30 7.81 8.59
C ARG A 26 -7.89 7.92 10.07
N SER A 27 -6.62 7.68 10.34
CA SER A 27 -6.11 7.75 11.70
C SER A 27 -5.66 9.16 12.06
N LEU A 28 -5.67 10.04 11.07
CA LEU A 28 -5.23 11.41 11.26
C LEU A 28 -6.42 12.37 11.28
N ARG A 29 -7.62 11.82 11.44
CA ARG A 29 -8.83 12.64 11.52
C ARG A 29 -8.81 13.44 12.80
N ARG A 30 -8.59 12.75 13.91
CA ARG A 30 -8.46 13.40 15.19
C ARG A 30 -6.99 13.69 15.45
N TYR A 31 -6.54 14.83 14.94
CA TYR A 31 -5.15 15.28 15.07
C TYR A 31 -4.21 14.42 14.22
N PRO A 32 -3.31 15.07 13.44
CA PRO A 32 -3.24 16.52 13.36
C PRO A 32 -4.09 17.08 12.23
N SER A 1 13.39 -16.28 -8.76
CA SER A 1 12.64 -15.02 -8.76
C SER A 1 13.20 -14.06 -9.80
N THR A 2 12.33 -13.34 -10.49
CA THR A 2 12.76 -12.36 -11.47
C THR A 2 12.26 -10.97 -11.09
N ARG A 3 12.73 -9.96 -11.81
CA ARG A 3 12.31 -8.59 -11.56
C ARG A 3 10.79 -8.46 -11.65
N LYS A 4 10.22 -8.98 -12.73
CA LYS A 4 8.79 -8.90 -12.96
C LYS A 4 8.01 -9.50 -11.78
N GLN A 5 8.47 -10.63 -11.27
CA GLN A 5 7.81 -11.28 -10.15
C GLN A 5 7.90 -10.40 -8.90
N ASN A 6 9.01 -9.71 -8.72
CA ASN A 6 9.17 -8.80 -7.59
C ASN A 6 8.31 -7.57 -7.79
N TYR A 7 8.23 -7.11 -9.03
CA TYR A 7 7.42 -5.95 -9.39
C TYR A 7 5.94 -6.22 -9.16
N MET A 8 5.44 -7.35 -9.66
CA MET A 8 4.04 -7.69 -9.49
C MET A 8 3.74 -7.93 -8.01
N MET A 9 4.75 -8.32 -7.25
CA MET A 9 4.62 -8.47 -5.81
C MET A 9 4.56 -7.09 -5.15
N ASN A 10 5.34 -6.15 -5.67
CA ASN A 10 5.31 -4.77 -5.19
C ASN A 10 3.97 -4.13 -5.57
N PHE A 11 3.55 -4.43 -6.78
CA PHE A 11 2.25 -4.00 -7.30
C PHE A 11 1.12 -4.54 -6.42
N SER A 12 1.21 -5.82 -6.08
CA SER A 12 0.25 -6.46 -5.18
C SER A 12 0.35 -5.84 -3.78
N ARG A 13 1.58 -5.62 -3.32
CA ARG A 13 1.83 -5.00 -2.03
C ARG A 13 1.16 -3.63 -1.96
N GLN A 14 1.43 -2.77 -2.95
CA GLN A 14 0.85 -1.44 -3.00
C GLN A 14 -0.67 -1.50 -2.97
N HIS A 15 -1.23 -2.50 -3.66
CA HIS A 15 -2.67 -2.67 -3.73
C HIS A 15 -3.30 -2.81 -2.34
N GLY A 16 -2.67 -3.60 -1.48
CA GLY A 16 -3.16 -3.75 -0.13
C GLY A 16 -2.64 -2.67 0.79
N LEU A 17 -1.42 -2.22 0.52
CA LEU A 17 -0.79 -1.17 1.32
C LEU A 17 -1.64 0.09 1.31
N ARG A 18 -2.04 0.52 0.12
CA ARG A 18 -2.83 1.74 -0.03
C ARG A 18 -4.16 1.61 0.70
N HIS A 19 -4.70 0.40 0.74
CA HIS A 19 -5.94 0.13 1.43
C HIS A 19 -5.86 0.56 2.90
N PHE A 20 -4.72 0.31 3.51
CA PHE A 20 -4.50 0.68 4.90
C PHE A 20 -3.91 2.07 5.00
N TYR A 21 -3.01 2.40 4.07
CA TYR A 21 -2.31 3.68 4.07
C TYR A 21 -3.28 4.85 3.98
N ASN A 22 -4.31 4.71 3.15
CA ASN A 22 -5.32 5.76 3.00
C ASN A 22 -6.08 5.97 4.31
N ARG A 23 -6.41 4.86 4.97
CA ARG A 23 -7.15 4.91 6.22
C ARG A 23 -6.24 5.35 7.37
N ARG A 24 -4.96 5.02 7.26
CA ARG A 24 -3.97 5.48 8.22
C ARG A 24 -3.73 6.97 8.06
N ARG A 25 -3.81 7.45 6.82
CA ARG A 25 -3.61 8.85 6.52
C ARG A 25 -4.85 9.66 6.87
N ARG A 26 -5.90 8.96 7.30
CA ARG A 26 -7.11 9.62 7.78
C ARG A 26 -6.79 10.44 9.04
N SER A 27 -5.93 9.88 9.88
CA SER A 27 -5.50 10.57 11.08
C SER A 27 -4.23 11.38 10.82
N LEU A 28 -3.79 11.36 9.56
CA LEU A 28 -2.61 12.12 9.16
C LEU A 28 -3.00 13.25 8.22
N ARG A 29 -4.26 13.66 8.29
CA ARG A 29 -4.79 14.73 7.43
C ARG A 29 -4.00 16.01 7.62
N ARG A 30 -3.43 16.20 8.80
CA ARG A 30 -2.59 17.37 9.08
C ARG A 30 -3.36 18.66 8.84
N TYR A 31 -4.17 19.05 9.82
CA TYR A 31 -4.94 20.27 9.74
C TYR A 31 -5.01 20.92 11.12
N PRO A 32 -5.25 22.23 11.19
CA PRO A 32 -5.40 23.09 10.01
C PRO A 32 -4.05 23.56 9.47
N SER A 1 11.11 -15.62 -5.54
CA SER A 1 10.62 -16.43 -6.67
C SER A 1 11.02 -15.78 -8.00
N THR A 2 10.32 -16.12 -9.09
CA THR A 2 10.66 -15.63 -10.41
C THR A 2 10.40 -14.13 -10.57
N ARG A 3 10.83 -13.57 -11.70
CA ARG A 3 10.68 -12.15 -11.98
C ARG A 3 9.22 -11.71 -11.85
N LYS A 4 8.34 -12.43 -12.53
CA LYS A 4 6.90 -12.17 -12.49
C LYS A 4 6.39 -12.09 -11.04
N GLN A 5 6.87 -12.98 -10.19
CA GLN A 5 6.46 -13.03 -8.80
C GLN A 5 6.94 -11.78 -8.06
N ASN A 6 8.09 -11.26 -8.48
CA ASN A 6 8.64 -10.05 -7.88
C ASN A 6 7.92 -8.82 -8.43
N TYR A 7 7.47 -8.91 -9.67
CA TYR A 7 6.73 -7.84 -10.31
C TYR A 7 5.36 -7.66 -9.68
N MET A 8 4.63 -8.77 -9.51
CA MET A 8 3.33 -8.71 -8.87
C MET A 8 3.46 -8.24 -7.43
N MET A 9 4.64 -8.47 -6.84
CA MET A 9 4.92 -8.00 -5.52
C MET A 9 5.18 -6.50 -5.54
N ASN A 10 5.87 -6.04 -6.58
CA ASN A 10 6.08 -4.61 -6.78
C ASN A 10 4.73 -3.90 -6.96
N PHE A 11 3.87 -4.55 -7.73
CA PHE A 11 2.50 -4.09 -7.94
C PHE A 11 1.74 -4.14 -6.61
N SER A 12 2.03 -5.14 -5.79
CA SER A 12 1.46 -5.24 -4.47
C SER A 12 2.00 -4.15 -3.54
N ARG A 13 3.29 -3.85 -3.66
CA ARG A 13 3.94 -2.86 -2.83
C ARG A 13 3.43 -1.45 -3.12
N GLN A 14 3.30 -1.12 -4.41
CA GLN A 14 2.81 0.21 -4.79
C GLN A 14 1.35 0.38 -4.37
N HIS A 15 0.67 -0.75 -4.21
CA HIS A 15 -0.72 -0.75 -3.76
C HIS A 15 -0.78 -0.65 -2.25
N GLY A 16 0.14 -1.33 -1.58
CA GLY A 16 0.22 -1.25 -0.13
C GLY A 16 0.62 0.14 0.33
N LEU A 17 1.40 0.84 -0.50
CA LEU A 17 1.79 2.21 -0.20
C LEU A 17 0.56 3.10 -0.05
N ARG A 18 -0.34 3.00 -1.02
CA ARG A 18 -1.59 3.74 -0.97
C ARG A 18 -2.41 3.28 0.22
N HIS A 19 -2.40 1.97 0.46
CA HIS A 19 -3.09 1.37 1.59
C HIS A 19 -2.69 2.03 2.90
N PHE A 20 -1.41 2.41 3.01
CA PHE A 20 -0.93 3.11 4.19
C PHE A 20 -1.55 4.49 4.28
N TYR A 21 -1.33 5.30 3.26
CA TYR A 21 -1.78 6.70 3.25
C TYR A 21 -3.29 6.79 3.44
N ASN A 22 -4.01 5.87 2.82
CA ASN A 22 -5.46 5.84 2.89
C ASN A 22 -5.95 5.62 4.32
N ARG A 23 -5.22 4.79 5.07
CA ARG A 23 -5.54 4.56 6.47
C ARG A 23 -5.03 5.70 7.33
N ARG A 24 -3.88 6.24 6.96
CA ARG A 24 -3.28 7.36 7.66
C ARG A 24 -4.23 8.56 7.68
N ARG A 25 -4.60 9.03 6.50
CA ARG A 25 -5.48 10.19 6.38
C ARG A 25 -6.88 9.90 6.92
N ARG A 26 -7.21 8.63 7.08
CA ARG A 26 -8.52 8.26 7.58
C ARG A 26 -8.56 8.39 9.10
N SER A 27 -7.48 8.02 9.75
CA SER A 27 -7.42 8.06 11.21
C SER A 27 -6.88 9.40 11.72
N LEU A 28 -6.43 10.23 10.79
CA LEU A 28 -5.90 11.55 11.15
C LEU A 28 -6.98 12.62 11.00
N ARG A 29 -8.22 12.18 10.86
CA ARG A 29 -9.35 13.09 10.81
C ARG A 29 -9.69 13.55 12.22
N ARG A 30 -9.42 12.67 13.17
CA ARG A 30 -9.63 12.94 14.58
C ARG A 30 -8.38 12.59 15.36
N TYR A 31 -7.63 13.61 15.78
CA TYR A 31 -6.39 13.39 16.48
C TYR A 31 -6.44 14.01 17.87
N PRO A 32 -5.69 13.48 18.84
CA PRO A 32 -4.83 12.30 18.63
C PRO A 32 -5.58 10.99 18.79
N SER A 1 8.50 -14.71 -2.74
CA SER A 1 9.35 -15.89 -3.00
C SER A 1 10.17 -15.73 -4.27
N THR A 2 9.53 -15.93 -5.42
CA THR A 2 10.25 -15.86 -6.69
C THR A 2 10.27 -14.44 -7.23
N ARG A 3 11.05 -14.23 -8.28
CA ARG A 3 11.20 -12.91 -8.88
C ARG A 3 9.84 -12.35 -9.27
N LYS A 4 9.05 -13.15 -9.97
CA LYS A 4 7.74 -12.75 -10.41
C LYS A 4 6.85 -12.33 -9.24
N GLN A 5 7.01 -12.99 -8.11
CA GLN A 5 6.23 -12.68 -6.93
C GLN A 5 6.65 -11.35 -6.34
N ASN A 6 7.94 -11.03 -6.44
CA ASN A 6 8.43 -9.75 -5.97
C ASN A 6 7.94 -8.65 -6.88
N TYR A 7 7.90 -8.93 -8.17
CA TYR A 7 7.43 -7.99 -9.17
C TYR A 7 5.95 -7.71 -9.02
N MET A 8 5.14 -8.75 -8.90
CA MET A 8 3.70 -8.55 -8.73
C MET A 8 3.39 -7.94 -7.37
N MET A 9 4.29 -8.15 -6.41
CA MET A 9 4.19 -7.48 -5.12
C MET A 9 4.56 -6.01 -5.28
N ASN A 10 5.56 -5.74 -6.12
CA ASN A 10 5.91 -4.35 -6.46
C ASN A 10 4.74 -3.69 -7.16
N PHE A 11 4.05 -4.47 -7.98
CA PHE A 11 2.86 -4.02 -8.68
C PHE A 11 1.76 -3.66 -7.67
N SER A 12 1.44 -4.59 -6.79
CA SER A 12 0.41 -4.37 -5.79
C SER A 12 0.85 -3.27 -4.82
N ARG A 13 2.15 -3.16 -4.59
CA ARG A 13 2.68 -2.11 -3.74
C ARG A 13 2.44 -0.74 -4.37
N GLN A 14 2.89 -0.57 -5.60
CA GLN A 14 2.79 0.72 -6.28
C GLN A 14 1.33 1.12 -6.50
N HIS A 15 0.47 0.11 -6.63
CA HIS A 15 -0.96 0.33 -6.81
C HIS A 15 -1.66 0.59 -5.48
N GLY A 16 -1.09 0.04 -4.42
CA GLY A 16 -1.71 0.13 -3.12
C GLY A 16 -1.25 1.35 -2.33
N LEU A 17 -0.12 1.94 -2.73
CA LEU A 17 0.46 3.07 -2.00
C LEU A 17 -0.59 4.15 -1.73
N ARG A 18 -1.22 4.65 -2.79
CA ARG A 18 -2.27 5.66 -2.67
C ARG A 18 -3.35 5.21 -1.70
N HIS A 19 -3.73 3.95 -1.82
CA HIS A 19 -4.80 3.37 -1.04
C HIS A 19 -4.39 3.25 0.43
N PHE A 20 -3.10 2.97 0.67
CA PHE A 20 -2.58 2.93 2.02
C PHE A 20 -2.59 4.30 2.64
N TYR A 21 -1.93 5.26 1.97
CA TYR A 21 -1.82 6.62 2.49
C TYR A 21 -3.18 7.23 2.80
N ASN A 22 -4.14 7.00 1.92
CA ASN A 22 -5.51 7.48 2.12
C ASN A 22 -6.09 6.95 3.42
N ARG A 23 -5.74 5.72 3.76
CA ARG A 23 -6.21 5.10 4.99
C ARG A 23 -5.33 5.51 6.16
N ARG A 24 -4.06 5.77 5.88
CA ARG A 24 -3.11 6.18 6.91
C ARG A 24 -3.56 7.47 7.57
N ARG A 25 -3.94 8.45 6.75
CA ARG A 25 -4.39 9.74 7.26
C ARG A 25 -5.65 9.56 8.12
N ARG A 26 -6.52 8.66 7.71
CA ARG A 26 -7.71 8.35 8.47
C ARG A 26 -7.36 7.65 9.79
N SER A 27 -6.35 6.80 9.74
CA SER A 27 -5.94 6.02 10.90
C SER A 27 -5.13 6.87 11.87
N LEU A 28 -4.93 8.14 11.53
CA LEU A 28 -4.23 9.07 12.41
C LEU A 28 -5.16 9.53 13.52
N ARG A 29 -6.42 9.15 13.42
CA ARG A 29 -7.41 9.45 14.45
C ARG A 29 -7.57 8.26 15.38
N ARG A 30 -6.76 7.23 15.16
CA ARG A 30 -6.81 6.03 15.96
C ARG A 30 -5.44 5.35 15.97
N TYR A 31 -4.65 5.64 17.00
CA TYR A 31 -3.30 5.08 17.17
C TYR A 31 -2.30 5.79 16.26
N PRO A 32 -1.11 6.15 16.80
CA PRO A 32 -0.75 5.89 18.18
C PRO A 32 -1.05 7.08 19.09
N SER A 1 10.49 -16.75 -5.01
CA SER A 1 9.66 -15.94 -5.92
C SER A 1 10.41 -15.70 -7.24
N THR A 2 9.73 -15.93 -8.35
CA THR A 2 10.30 -15.65 -9.66
C THR A 2 10.20 -14.16 -9.95
N ARG A 3 10.70 -13.74 -11.11
CA ARG A 3 10.67 -12.33 -11.48
C ARG A 3 9.24 -11.78 -11.46
N LYS A 4 8.34 -12.47 -12.15
CA LYS A 4 6.94 -12.06 -12.21
C LYS A 4 6.35 -11.96 -10.82
N GLN A 5 6.70 -12.90 -9.94
CA GLN A 5 6.22 -12.89 -8.56
C GLN A 5 6.71 -11.64 -7.83
N ASN A 6 7.96 -11.26 -8.06
CA ASN A 6 8.52 -10.09 -7.39
C ASN A 6 7.92 -8.81 -7.97
N TYR A 7 7.65 -8.84 -9.27
CA TYR A 7 7.03 -7.72 -9.96
C TYR A 7 5.59 -7.53 -9.50
N MET A 8 4.82 -8.60 -9.45
CA MET A 8 3.44 -8.50 -8.98
C MET A 8 3.40 -8.13 -7.51
N MET A 9 4.45 -8.49 -6.77
CA MET A 9 4.59 -8.06 -5.40
C MET A 9 4.89 -6.57 -5.34
N ASN A 10 5.74 -6.10 -6.25
CA ASN A 10 6.06 -4.68 -6.35
C ASN A 10 4.83 -3.90 -6.80
N PHE A 11 4.09 -4.49 -7.72
CA PHE A 11 2.83 -3.94 -8.19
C PHE A 11 1.84 -3.82 -7.03
N SER A 12 1.75 -4.87 -6.23
CA SER A 12 0.87 -4.85 -5.07
C SER A 12 1.42 -3.90 -4.00
N ARG A 13 2.75 -3.85 -3.87
CA ARG A 13 3.40 -2.96 -2.92
C ARG A 13 3.07 -1.51 -3.22
N GLN A 14 3.16 -1.11 -4.48
CA GLN A 14 2.88 0.27 -4.86
C GLN A 14 1.39 0.58 -4.68
N HIS A 15 0.58 -0.46 -4.69
CA HIS A 15 -0.84 -0.32 -4.39
C HIS A 15 -1.05 -0.26 -2.88
N GLY A 16 -0.24 -1.00 -2.16
CA GLY A 16 -0.28 -0.98 -0.71
C GLY A 16 0.29 0.31 -0.15
N LEU A 17 1.05 1.03 -0.97
CA LEU A 17 1.52 2.36 -0.60
C LEU A 17 0.32 3.27 -0.40
N ARG A 18 -0.61 3.24 -1.36
CA ARG A 18 -1.85 3.97 -1.25
C ARG A 18 -2.62 3.54 0.00
N HIS A 19 -2.49 2.27 0.36
CA HIS A 19 -3.12 1.74 1.55
C HIS A 19 -2.61 2.45 2.81
N PHE A 20 -1.31 2.73 2.84
CA PHE A 20 -0.71 3.45 3.95
C PHE A 20 -1.26 4.86 4.03
N TYR A 21 -1.25 5.56 2.91
CA TYR A 21 -1.77 6.93 2.84
C TYR A 21 -3.25 6.97 3.20
N ASN A 22 -3.99 5.93 2.81
CA ASN A 22 -5.40 5.82 3.18
C ASN A 22 -5.54 5.68 4.69
N ARG A 23 -4.65 4.90 5.30
CA ARG A 23 -4.60 4.77 6.75
C ARG A 23 -4.22 6.09 7.40
N ARG A 24 -3.27 6.79 6.79
CA ARG A 24 -2.84 8.09 7.25
C ARG A 24 -4.03 9.06 7.31
N ARG A 25 -4.78 9.12 6.22
CA ARG A 25 -5.97 9.95 6.16
C ARG A 25 -7.03 9.47 7.14
N ARG A 26 -7.16 8.15 7.25
CA ARG A 26 -8.12 7.55 8.17
C ARG A 26 -7.76 7.90 9.61
N SER A 27 -6.48 7.95 9.90
CA SER A 27 -6.01 8.21 11.25
C SER A 27 -6.05 9.71 11.57
N LEU A 28 -6.13 10.54 10.54
CA LEU A 28 -6.21 11.97 10.72
C LEU A 28 -7.67 12.40 10.85
N ARG A 29 -8.58 11.61 10.29
CA ARG A 29 -10.01 11.88 10.44
C ARG A 29 -10.55 11.19 11.68
N ARG A 30 -9.88 10.14 12.10
CA ARG A 30 -10.26 9.42 13.32
C ARG A 30 -9.13 9.52 14.33
N TYR A 31 -9.07 8.57 15.24
CA TYR A 31 -8.01 8.51 16.25
C TYR A 31 -6.71 8.01 15.62
N PRO A 32 -5.56 8.22 16.28
CA PRO A 32 -5.46 8.98 17.52
C PRO A 32 -5.07 10.43 17.27
N SER A 1 8.77 -18.42 -4.30
CA SER A 1 8.53 -17.11 -4.94
C SER A 1 9.52 -16.89 -6.07
N THR A 2 9.04 -16.36 -7.19
CA THR A 2 9.87 -16.18 -8.37
C THR A 2 9.93 -14.70 -8.77
N ARG A 3 10.59 -14.41 -9.89
CA ARG A 3 10.71 -13.04 -10.37
C ARG A 3 9.34 -12.42 -10.60
N LYS A 4 8.49 -13.15 -11.32
CA LYS A 4 7.13 -12.70 -11.60
C LYS A 4 6.39 -12.36 -10.31
N GLN A 5 6.62 -13.17 -9.28
CA GLN A 5 6.02 -12.93 -7.98
C GLN A 5 6.57 -11.66 -7.36
N ASN A 6 7.87 -11.44 -7.47
CA ASN A 6 8.49 -10.25 -6.90
C ASN A 6 8.00 -9.00 -7.63
N TYR A 7 7.76 -9.15 -8.93
CA TYR A 7 7.23 -8.07 -9.73
C TYR A 7 5.78 -7.75 -9.35
N MET A 8 4.94 -8.76 -9.20
CA MET A 8 3.55 -8.52 -8.81
C MET A 8 3.48 -8.01 -7.38
N MET A 9 4.51 -8.31 -6.59
CA MET A 9 4.66 -7.74 -5.27
C MET A 9 5.00 -6.26 -5.38
N ASN A 10 5.90 -5.94 -6.31
CA ASN A 10 6.27 -4.55 -6.57
C ASN A 10 5.10 -3.78 -7.15
N PHE A 11 4.34 -4.46 -7.99
CA PHE A 11 3.12 -3.92 -8.57
C PHE A 11 2.08 -3.67 -7.47
N SER A 12 1.93 -4.64 -6.58
CA SER A 12 1.03 -4.50 -5.44
C SER A 12 1.52 -3.38 -4.52
N ARG A 13 2.83 -3.31 -4.33
CA ARG A 13 3.44 -2.32 -3.46
C ARG A 13 3.14 -0.90 -3.95
N GLN A 14 3.25 -0.68 -5.26
CA GLN A 14 3.03 0.64 -5.82
C GLN A 14 1.54 0.98 -5.84
N HIS A 15 0.71 -0.06 -5.80
CA HIS A 15 -0.73 0.12 -5.74
C HIS A 15 -1.17 0.32 -4.30
N GLY A 16 -0.43 -0.28 -3.38
CA GLY A 16 -0.73 -0.17 -1.98
C GLY A 16 -0.20 1.12 -1.40
N LEU A 17 0.61 1.82 -2.18
CA LEU A 17 1.21 3.08 -1.75
C LEU A 17 0.12 4.04 -1.28
N ARG A 18 -0.86 4.29 -2.14
CA ARG A 18 -1.97 5.18 -1.79
C ARG A 18 -2.82 4.57 -0.70
N HIS A 19 -2.84 3.25 -0.65
CA HIS A 19 -3.62 2.51 0.30
C HIS A 19 -3.07 2.75 1.72
N PHE A 20 -1.75 2.89 1.82
CA PHE A 20 -1.13 3.24 3.10
C PHE A 20 -1.58 4.62 3.55
N TYR A 21 -1.52 5.58 2.63
CA TYR A 21 -1.92 6.95 2.93
C TYR A 21 -3.41 7.05 3.20
N ASN A 22 -4.18 6.14 2.61
CA ASN A 22 -5.60 6.03 2.91
C ASN A 22 -5.81 5.66 4.37
N ARG A 23 -4.97 4.77 4.87
CA ARG A 23 -4.97 4.41 6.29
C ARG A 23 -4.40 5.54 7.13
N ARG A 24 -3.42 6.27 6.60
CA ARG A 24 -2.85 7.42 7.29
C ARG A 24 -3.93 8.46 7.55
N ARG A 25 -4.79 8.66 6.56
CA ARG A 25 -5.88 9.61 6.67
C ARG A 25 -6.89 9.17 7.71
N ARG A 26 -6.91 7.87 8.01
CA ARG A 26 -7.79 7.33 9.04
C ARG A 26 -7.37 7.86 10.41
N SER A 27 -6.10 8.20 10.55
CA SER A 27 -5.57 8.75 11.80
C SER A 27 -6.01 10.21 11.98
N LEU A 28 -6.65 10.75 10.94
CA LEU A 28 -7.23 12.08 11.02
C LEU A 28 -8.68 11.97 11.46
N ARG A 29 -9.25 10.78 11.32
CA ARG A 29 -10.60 10.52 11.81
C ARG A 29 -10.55 10.23 13.30
N ARG A 30 -9.66 9.31 13.67
CA ARG A 30 -9.48 8.96 15.06
C ARG A 30 -8.03 8.57 15.28
N TYR A 31 -7.42 9.14 16.31
CA TYR A 31 -6.02 8.92 16.61
C TYR A 31 -5.83 8.59 18.09
N PRO A 32 -4.76 7.87 18.43
CA PRO A 32 -3.79 7.36 17.48
C PRO A 32 -4.12 5.95 17.03
#